data_4OUH
#
_entry.id   4OUH
#
_cell.length_a   58.830
_cell.length_b   97.670
_cell.length_c   108.220
_cell.angle_alpha   90.000
_cell.angle_beta   90.000
_cell.angle_gamma   90.000
#
_symmetry.space_group_name_H-M   'P 21 21 21'
#
loop_
_entity.id
_entity.type
_entity.pdbx_description
1 polymer 'Proteasome inhibitor PI31 subunit'
2 water water
#
_entity_poly.entity_id   1
_entity_poly.type   'polypeptide(L)'
_entity_poly.pdbx_seq_one_letter_code
;GPSSPMAGLEVLFASAAPAITCRQDALVCFLHWEVVTHGYCGLGVGDQPGPNDKKSELLPAGWNNNKDLYVLRYEYKDGS
RKLLVKAITVESSMILNVLEYGSQQVADLTLNLDDYIDAEHLGDFHRTYKNSEELRSRIVSGIITPIHEQWEKANVSSPH
REF
;
_entity_poly.pdbx_strand_id   A,B,C,D
#
# COMPACT_ATOMS: atom_id res chain seq x y z
N SER A 3 -11.25 -26.44 16.50
CA SER A 3 -12.39 -25.57 16.73
C SER A 3 -12.07 -24.17 16.24
N SER A 4 -11.09 -23.55 16.89
CA SER A 4 -10.75 -22.19 16.59
C SER A 4 -10.07 -22.16 15.23
N PRO A 5 -10.17 -21.03 14.51
CA PRO A 5 -9.48 -21.02 13.22
C PRO A 5 -8.01 -20.64 13.33
N MET A 6 -7.47 -20.26 12.18
CA MET A 6 -6.17 -19.62 12.13
C MET A 6 -6.32 -18.23 11.52
N ALA A 7 -7.55 -17.71 11.59
CA ALA A 7 -7.82 -16.34 11.19
C ALA A 7 -6.91 -15.42 11.97
N GLY A 8 -6.13 -14.62 11.25
CA GLY A 8 -5.16 -13.74 11.86
C GLY A 8 -3.74 -14.13 11.46
N LEU A 9 -3.55 -15.35 10.98
CA LEU A 9 -2.22 -15.80 10.58
C LEU A 9 -1.65 -14.89 9.49
N GLU A 10 -2.48 -14.54 8.52
CA GLU A 10 -2.04 -13.68 7.43
C GLU A 10 -1.61 -12.31 7.95
N VAL A 11 -2.36 -11.79 8.92
CA VAL A 11 -2.06 -10.50 9.51
C VAL A 11 -0.78 -10.59 10.33
N LEU A 12 -0.67 -11.66 11.12
CA LEU A 12 0.53 -11.91 11.92
C LEU A 12 1.76 -11.99 11.02
N PHE A 13 1.66 -12.79 9.96
CA PHE A 13 2.77 -12.99 9.03
C PHE A 13 3.22 -11.68 8.41
N ALA A 14 2.26 -10.84 8.04
CA ALA A 14 2.56 -9.52 7.50
C ALA A 14 3.26 -8.68 8.57
N SER A 15 2.78 -8.78 9.81
CA SER A 15 3.33 -8.01 10.92
C SER A 15 4.77 -8.39 11.23
N ALA A 16 5.17 -9.58 10.80
CA ALA A 16 6.48 -10.13 11.16
C ALA A 16 7.36 -10.46 9.95
N ALA A 17 6.89 -10.13 8.75
CA ALA A 17 7.62 -10.42 7.52
C ALA A 17 9.11 -10.02 7.49
N PRO A 18 9.46 -8.82 7.98
CA PRO A 18 10.90 -8.48 8.03
C PRO A 18 11.69 -9.40 8.96
N ALA A 19 11.04 -9.89 10.02
CA ALA A 19 11.69 -10.77 10.97
C ALA A 19 11.86 -12.20 10.43
N ILE A 20 11.09 -12.52 9.40
CA ILE A 20 11.12 -13.87 8.81
C ILE A 20 12.16 -13.99 7.70
N THR A 21 13.30 -14.58 8.03
CA THR A 21 14.43 -14.66 7.11
C THR A 21 14.82 -16.09 6.79
N CYS A 22 14.24 -17.05 7.51
CA CYS A 22 14.50 -18.45 7.24
C CYS A 22 13.25 -19.29 7.46
N ARG A 23 13.32 -20.57 7.06
CA ARG A 23 12.18 -21.47 7.17
C ARG A 23 11.71 -21.63 8.61
N GLN A 24 12.68 -21.66 9.54
CA GLN A 24 12.37 -21.83 10.95
C GLN A 24 11.50 -20.68 11.47
N ASP A 25 11.81 -19.46 11.04
CA ASP A 25 11.04 -18.28 11.43
C ASP A 25 9.58 -18.43 11.02
N ALA A 26 9.36 -18.94 9.81
CA ALA A 26 8.03 -19.10 9.28
C ALA A 26 7.26 -20.19 10.04
N LEU A 27 7.96 -21.27 10.41
CA LEU A 27 7.31 -22.35 11.14
C LEU A 27 6.93 -21.91 12.55
N VAL A 28 7.83 -21.17 13.21
CA VAL A 28 7.59 -20.67 14.56
C VAL A 28 6.46 -19.63 14.56
N CYS A 29 6.40 -18.83 13.50
CA CYS A 29 5.31 -17.87 13.33
C CYS A 29 3.97 -18.60 13.29
N PHE A 30 3.92 -19.69 12.53
CA PHE A 30 2.72 -20.52 12.41
C PHE A 30 2.37 -21.10 13.78
N LEU A 31 3.38 -21.62 14.47
CA LEU A 31 3.19 -22.24 15.78
C LEU A 31 2.67 -21.23 16.80
N HIS A 32 3.24 -20.02 16.77
CA HIS A 32 2.82 -18.95 17.65
C HIS A 32 1.32 -18.68 17.53
N TRP A 33 0.81 -18.65 16.31
CA TRP A 33 -0.60 -18.32 16.12
C TRP A 33 -1.51 -19.48 16.50
N GLU A 34 -1.04 -20.72 16.34
CA GLU A 34 -1.76 -21.87 16.84
C GLU A 34 -1.95 -21.76 18.35
N VAL A 35 -0.89 -21.32 19.02
CA VAL A 35 -0.93 -21.16 20.47
C VAL A 35 -1.86 -20.03 20.89
N VAL A 36 -1.74 -18.88 20.25
CA VAL A 36 -2.59 -17.72 20.56
C VAL A 36 -4.08 -18.00 20.28
N THR A 37 -4.38 -18.67 19.16
CA THR A 37 -5.78 -18.96 18.83
C THR A 37 -6.39 -19.99 19.76
N HIS A 38 -5.56 -20.66 20.55
CA HIS A 38 -6.06 -21.60 21.53
C HIS A 38 -6.03 -21.03 22.95
N GLY A 39 -6.13 -19.72 23.04
CA GLY A 39 -6.39 -19.06 24.31
C GLY A 39 -5.20 -18.46 25.03
N TYR A 40 -4.02 -18.52 24.44
CA TYR A 40 -2.82 -18.00 25.10
C TYR A 40 -2.41 -16.62 24.58
N CYS A 41 -1.65 -15.90 25.40
CA CYS A 41 -1.01 -14.66 24.99
C CYS A 41 0.48 -14.85 25.12
N GLY A 42 1.25 -14.25 24.22
CA GLY A 42 2.69 -14.27 24.32
C GLY A 42 3.13 -13.33 25.43
N LEU A 43 4.16 -13.73 26.17
CA LEU A 43 4.70 -12.91 27.25
C LEU A 43 6.04 -12.33 26.86
N GLY A 44 6.93 -13.20 26.38
CA GLY A 44 8.28 -12.79 26.02
C GLY A 44 9.12 -13.97 25.58
N VAL A 45 10.44 -13.78 25.58
CA VAL A 45 11.36 -14.79 25.07
C VAL A 45 12.31 -15.26 26.17
N GLY A 46 13.00 -16.37 25.91
CA GLY A 46 13.95 -16.92 26.88
C GLY A 46 13.27 -17.66 28.02
N ASP A 47 14.09 -18.30 28.86
CA ASP A 47 13.59 -19.07 30.00
C ASP A 47 13.11 -18.17 31.12
N GLN A 48 13.71 -17.00 31.22
CA GLN A 48 13.52 -16.14 32.37
C GLN A 48 12.48 -15.03 32.15
N PRO A 49 11.42 -15.03 32.98
CA PRO A 49 10.52 -13.88 32.97
C PRO A 49 11.28 -12.64 33.43
N GLY A 50 10.99 -11.49 32.83
CA GLY A 50 11.65 -10.26 33.18
C GLY A 50 10.77 -9.06 32.90
N PRO A 51 11.23 -7.85 33.31
CA PRO A 51 10.47 -6.60 33.16
C PRO A 51 10.17 -6.21 31.71
N ASN A 52 10.75 -6.93 30.74
CA ASN A 52 10.44 -6.67 29.34
C ASN A 52 9.33 -7.56 28.81
N ASP A 53 8.78 -8.40 29.68
CA ASP A 53 7.64 -9.22 29.33
C ASP A 53 6.43 -8.34 29.11
N LYS A 54 5.64 -8.67 28.10
CA LYS A 54 4.43 -7.93 27.78
C LYS A 54 3.39 -8.89 27.20
N LYS A 55 2.21 -8.92 27.81
CA LYS A 55 1.15 -9.81 27.36
C LYS A 55 0.57 -9.31 26.03
N SER A 56 0.73 -10.09 24.97
CA SER A 56 0.33 -9.65 23.63
C SER A 56 0.12 -10.80 22.66
N GLU A 57 -0.68 -10.58 21.63
CA GLU A 57 -0.89 -11.55 20.55
C GLU A 57 0.30 -11.51 19.60
N LEU A 58 1.00 -10.39 19.61
CA LEU A 58 2.10 -10.19 18.68
C LEU A 58 3.30 -11.06 19.06
N LEU A 59 4.14 -11.37 18.08
CA LEU A 59 5.39 -12.06 18.35
C LEU A 59 6.26 -11.14 19.20
N PRO A 60 6.79 -11.67 20.31
CA PRO A 60 7.56 -10.83 21.24
C PRO A 60 8.88 -10.38 20.62
N ALA A 61 9.36 -9.19 20.99
CA ALA A 61 10.63 -8.70 20.47
C ALA A 61 11.74 -9.71 20.74
N GLY A 62 12.57 -9.97 19.73
CA GLY A 62 13.69 -10.89 19.87
C GLY A 62 13.34 -12.34 19.60
N TRP A 63 12.12 -12.60 19.16
CA TRP A 63 11.66 -13.98 18.96
C TRP A 63 12.48 -14.73 17.92
N ASN A 64 13.03 -13.99 16.97
CA ASN A 64 13.70 -14.58 15.82
C ASN A 64 15.21 -14.42 15.82
N ASN A 65 15.77 -14.00 16.94
CA ASN A 65 17.21 -13.74 17.01
C ASN A 65 18.10 -14.99 16.92
N ASN A 66 17.63 -16.11 17.45
CA ASN A 66 18.37 -17.36 17.38
C ASN A 66 17.66 -18.34 16.44
N LYS A 67 18.28 -18.61 15.30
CA LYS A 67 17.67 -19.47 14.28
C LYS A 67 17.79 -20.95 14.65
N ASP A 68 18.59 -21.24 15.67
CA ASP A 68 18.83 -22.63 16.09
C ASP A 68 17.92 -23.04 17.24
N LEU A 69 17.51 -22.08 18.04
CA LEU A 69 16.71 -22.35 19.24
C LEU A 69 15.77 -21.19 19.55
N TYR A 70 14.47 -21.45 19.42
CA TYR A 70 13.45 -20.45 19.73
C TYR A 70 12.85 -20.78 21.09
N VAL A 71 12.89 -19.81 22.01
CA VAL A 71 12.32 -20.01 23.33
C VAL A 71 11.29 -18.92 23.60
N LEU A 72 10.02 -19.32 23.67
CA LEU A 72 8.93 -18.36 23.82
C LEU A 72 8.07 -18.70 25.02
N ARG A 73 7.65 -17.68 25.77
CA ARG A 73 6.81 -17.90 26.95
C ARG A 73 5.41 -17.37 26.73
N TYR A 74 4.42 -18.07 27.26
CA TYR A 74 3.04 -17.67 27.11
C TYR A 74 2.31 -17.68 28.44
N GLU A 75 1.32 -16.83 28.56
CA GLU A 75 0.42 -16.87 29.71
C GLU A 75 -0.99 -16.98 29.18
N TYR A 76 -1.80 -17.81 29.83
CA TYR A 76 -3.20 -17.95 29.42
C TYR A 76 -3.87 -16.57 29.52
N LYS A 77 -4.66 -16.23 28.51
CA LYS A 77 -5.39 -14.97 28.45
C LYS A 77 -6.25 -14.83 29.69
N ASP A 78 -6.77 -15.95 30.16
CA ASP A 78 -7.52 -15.97 31.39
C ASP A 78 -6.60 -16.40 32.54
N GLY A 79 -6.26 -15.44 33.41
CA GLY A 79 -5.48 -15.75 34.60
C GLY A 79 -3.98 -15.96 34.44
N SER A 80 -3.49 -17.03 35.06
CA SER A 80 -2.04 -17.18 35.24
C SER A 80 -1.45 -18.54 34.84
N ARG A 81 -2.18 -19.34 34.06
CA ARG A 81 -1.61 -20.56 33.51
C ARG A 81 -0.48 -20.19 32.54
N LYS A 82 0.55 -21.02 32.47
CA LYS A 82 1.73 -20.66 31.69
C LYS A 82 2.25 -21.76 30.76
N LEU A 83 2.91 -21.35 29.70
CA LEU A 83 3.53 -22.25 28.74
C LEU A 83 4.95 -21.79 28.44
N LEU A 84 5.87 -22.75 28.36
CA LEU A 84 7.21 -22.49 27.86
C LEU A 84 7.41 -23.31 26.59
N VAL A 85 7.51 -22.61 25.45
CA VAL A 85 7.64 -23.28 24.16
C VAL A 85 9.08 -23.20 23.65
N LYS A 86 9.64 -24.35 23.29
CA LYS A 86 10.95 -24.37 22.67
C LYS A 86 10.88 -25.04 21.30
N ALA A 87 11.43 -24.36 20.31
CA ALA A 87 11.50 -24.88 18.96
C ALA A 87 12.98 -25.05 18.62
N ILE A 88 13.40 -26.29 18.42
CA ILE A 88 14.82 -26.62 18.28
C ILE A 88 15.14 -27.07 16.86
N THR A 89 16.01 -26.33 16.18
CA THR A 89 16.38 -26.67 14.81
C THR A 89 17.35 -27.85 14.79
N VAL A 90 16.95 -28.92 14.10
CA VAL A 90 17.81 -30.10 13.93
C VAL A 90 17.84 -30.48 12.46
N GLU A 91 18.94 -30.15 11.78
CA GLU A 91 19.07 -30.38 10.35
C GLU A 91 17.91 -29.71 9.58
N SER A 92 17.13 -30.50 8.85
CA SER A 92 16.01 -29.95 8.11
C SER A 92 14.70 -30.02 8.89
N SER A 93 14.79 -30.35 10.18
CA SER A 93 13.60 -30.46 11.01
C SER A 93 13.65 -29.54 12.22
N MET A 94 12.51 -29.39 12.88
CA MET A 94 12.47 -28.72 14.17
C MET A 94 11.82 -29.66 15.18
N ILE A 95 12.40 -29.72 16.38
CA ILE A 95 11.76 -30.43 17.48
C ILE A 95 11.06 -29.39 18.35
N LEU A 96 9.76 -29.58 18.56
CA LEU A 96 9.01 -28.70 19.44
C LEU A 96 8.81 -29.39 20.78
N ASN A 97 9.14 -28.72 21.88
CA ASN A 97 8.69 -29.18 23.18
C ASN A 97 8.11 -28.07 24.04
N VAL A 98 6.99 -28.37 24.68
CA VAL A 98 6.22 -27.38 25.42
C VAL A 98 6.03 -27.87 26.84
N LEU A 99 6.03 -26.95 27.79
CA LEU A 99 5.96 -27.31 29.20
C LEU A 99 5.10 -26.27 29.92
N GLU A 100 4.25 -26.72 30.85
CA GLU A 100 3.54 -25.79 31.73
C GLU A 100 4.19 -25.75 33.11
N GLN A 105 3.83 -33.23 31.50
CA GLN A 105 3.92 -31.78 31.46
C GLN A 105 4.71 -31.31 30.24
N VAL A 106 5.32 -32.24 29.51
CA VAL A 106 6.07 -31.87 28.31
C VAL A 106 5.68 -32.67 27.06
N ALA A 107 4.97 -31.99 26.16
CA ALA A 107 4.58 -32.57 24.89
C ALA A 107 5.69 -32.33 23.86
N ASP A 108 6.00 -33.35 23.08
CA ASP A 108 7.13 -33.27 22.15
C ASP A 108 6.69 -33.59 20.72
N LEU A 109 7.10 -32.76 19.77
CA LEU A 109 6.69 -32.93 18.37
C LEU A 109 7.80 -32.57 17.38
N THR A 110 8.04 -33.46 16.41
CA THR A 110 9.08 -33.21 15.41
C THR A 110 8.49 -32.94 14.01
N LEU A 111 8.88 -31.82 13.43
CA LEU A 111 8.34 -31.38 12.15
C LEU A 111 9.44 -31.20 11.11
N ASN A 112 9.28 -31.84 9.96
CA ASN A 112 10.22 -31.66 8.85
C ASN A 112 9.90 -30.37 8.10
N LEU A 113 10.87 -29.47 8.02
CA LEU A 113 10.67 -28.19 7.35
C LEU A 113 10.39 -28.37 5.86
N ASP A 114 10.96 -29.41 5.27
CA ASP A 114 10.77 -29.71 3.86
C ASP A 114 9.30 -29.94 3.51
N ASP A 115 8.55 -30.45 4.48
CA ASP A 115 7.14 -30.78 4.25
C ASP A 115 6.16 -29.64 4.53
N TYR A 116 6.62 -28.56 5.16
CA TYR A 116 5.70 -27.51 5.60
C TYR A 116 6.06 -26.10 5.13
N ILE A 117 7.32 -25.87 4.83
CA ILE A 117 7.76 -24.54 4.39
C ILE A 117 8.36 -24.61 2.99
N ASP A 118 7.89 -23.74 2.10
CA ASP A 118 8.49 -23.61 0.77
C ASP A 118 9.66 -22.64 0.84
N ALA A 119 10.87 -23.15 0.65
CA ALA A 119 12.08 -22.33 0.73
C ALA A 119 12.13 -21.29 -0.39
N GLU A 120 11.64 -21.67 -1.56
CA GLU A 120 11.73 -20.83 -2.76
C GLU A 120 10.92 -19.54 -2.62
N HIS A 121 9.71 -19.66 -2.09
CA HIS A 121 8.76 -18.55 -2.04
C HIS A 121 8.56 -18.02 -0.62
N LEU A 122 9.58 -18.19 0.23
CA LEU A 122 9.49 -17.96 1.68
C LEU A 122 8.67 -16.74 2.15
N GLY A 123 8.98 -15.57 1.63
CA GLY A 123 8.33 -14.34 2.08
C GLY A 123 6.96 -14.10 1.49
N ASP A 124 6.54 -14.98 0.58
CA ASP A 124 5.22 -14.88 -0.04
C ASP A 124 4.22 -15.68 0.80
N PHE A 125 3.32 -15.00 1.50
CA PHE A 125 2.46 -15.67 2.49
C PHE A 125 1.68 -16.86 1.92
N HIS A 126 1.08 -16.67 0.75
CA HIS A 126 0.19 -17.69 0.19
C HIS A 126 0.96 -18.87 -0.40
N ARG A 127 2.28 -18.74 -0.53
CA ARG A 127 3.11 -19.80 -1.08
C ARG A 127 4.18 -20.27 -0.10
N THR A 128 4.16 -19.71 1.11
CA THR A 128 5.16 -20.03 2.13
C THR A 128 4.89 -21.38 2.79
N TYR A 129 3.63 -21.64 3.10
CA TYR A 129 3.27 -22.83 3.86
C TYR A 129 2.72 -23.95 2.97
N LYS A 130 3.20 -25.16 3.22
CA LYS A 130 2.70 -26.34 2.52
C LYS A 130 2.03 -27.26 3.54
N ASN A 131 1.03 -28.00 3.09
CA ASN A 131 0.34 -28.96 3.96
C ASN A 131 -0.15 -28.33 5.26
N SER A 132 -0.73 -27.14 5.14
CA SER A 132 -1.14 -26.35 6.30
C SER A 132 -2.14 -27.08 7.20
N GLU A 133 -3.09 -27.77 6.59
CA GLU A 133 -4.10 -28.51 7.35
C GLU A 133 -3.51 -29.66 8.17
N GLU A 134 -2.51 -30.33 7.60
CA GLU A 134 -1.81 -31.37 8.34
C GLU A 134 -1.00 -30.76 9.47
N LEU A 135 -0.34 -29.64 9.17
CA LEU A 135 0.46 -28.92 10.16
C LEU A 135 -0.40 -28.50 11.36
N ARG A 136 -1.56 -27.89 11.08
CA ARG A 136 -2.49 -27.52 12.14
C ARG A 136 -2.88 -28.73 12.97
N SER A 137 -3.27 -29.81 12.30
CA SER A 137 -3.69 -31.03 12.98
C SER A 137 -2.58 -31.59 13.87
N ARG A 138 -1.35 -31.60 13.36
CA ARG A 138 -0.25 -32.20 14.11
C ARG A 138 0.17 -31.35 15.32
N ILE A 139 0.12 -30.03 15.15
CA ILE A 139 0.44 -29.11 16.25
C ILE A 139 -0.64 -29.21 17.34
N VAL A 140 -1.90 -29.24 16.93
CA VAL A 140 -3.00 -29.39 17.87
C VAL A 140 -2.96 -30.74 18.60
N SER A 141 -2.79 -31.82 17.82
CA SER A 141 -2.67 -33.16 18.38
C SER A 141 -1.40 -33.31 19.22
N GLY A 142 -0.29 -32.80 18.72
CA GLY A 142 1.00 -32.99 19.37
C GLY A 142 1.28 -32.04 20.52
N ILE A 143 0.80 -30.81 20.41
CA ILE A 143 1.13 -29.79 21.40
C ILE A 143 -0.08 -29.33 22.24
N ILE A 144 -1.05 -28.69 21.60
CA ILE A 144 -2.15 -28.03 22.29
C ILE A 144 -3.00 -28.99 23.17
N THR A 145 -3.51 -30.04 22.56
CA THR A 145 -4.37 -31.00 23.28
C THR A 145 -3.72 -31.69 24.50
N PRO A 146 -2.47 -32.19 24.36
CA PRO A 146 -1.82 -32.81 25.53
C PRO A 146 -1.70 -31.85 26.73
N ILE A 147 -1.30 -30.61 26.48
CA ILE A 147 -1.23 -29.59 27.54
C ILE A 147 -2.57 -29.45 28.22
N HIS A 148 -3.61 -29.27 27.40
CA HIS A 148 -4.97 -29.07 27.90
C HIS A 148 -5.42 -30.25 28.74
N GLU A 149 -5.16 -31.46 28.25
CA GLU A 149 -5.65 -32.66 28.93
C GLU A 149 -4.93 -33.00 30.23
N GLN A 150 -3.63 -32.77 30.27
CA GLN A 150 -2.88 -32.98 31.51
C GLN A 150 -3.35 -31.99 32.55
N TRP A 151 -3.69 -30.78 32.11
CA TRP A 151 -4.20 -29.74 32.99
C TRP A 151 -5.54 -30.13 33.59
N GLU A 152 -6.43 -30.63 32.74
CA GLU A 152 -7.75 -31.11 33.15
C GLU A 152 -7.64 -32.23 34.18
N LYS A 153 -6.64 -33.09 34.00
CA LYS A 153 -6.40 -34.19 34.92
C LYS A 153 -5.94 -33.66 36.28
N ALA A 154 -5.16 -32.59 36.25
CA ALA A 154 -4.65 -31.97 37.46
C ALA A 154 -5.72 -31.16 38.18
N ASN A 155 -6.60 -30.51 37.42
CA ASN A 155 -7.68 -29.72 38.00
C ASN A 155 -8.82 -30.58 38.52
N SER B 3 -19.34 -17.63 18.38
CA SER B 3 -18.45 -18.73 18.71
C SER B 3 -17.00 -18.33 18.52
N SER B 4 -16.68 -17.79 17.35
CA SER B 4 -15.30 -17.48 17.02
C SER B 4 -14.75 -16.38 17.93
N PRO B 5 -13.42 -16.40 18.18
CA PRO B 5 -12.83 -15.34 18.99
C PRO B 5 -12.68 -14.06 18.18
N MET B 6 -12.20 -13.00 18.84
CA MET B 6 -11.70 -11.84 18.14
C MET B 6 -10.17 -11.83 18.21
N ALA B 7 -9.60 -13.02 18.39
CA ALA B 7 -8.14 -13.18 18.37
C ALA B 7 -7.62 -12.69 17.04
N GLY B 8 -6.63 -11.80 17.10
CA GLY B 8 -6.08 -11.19 15.90
C GLY B 8 -6.36 -9.70 15.85
N LEU B 9 -7.33 -9.23 16.63
CA LEU B 9 -7.68 -7.82 16.61
C LEU B 9 -6.50 -6.95 17.03
N GLU B 10 -5.77 -7.39 18.05
CA GLU B 10 -4.59 -6.65 18.50
C GLU B 10 -3.53 -6.55 17.41
N VAL B 11 -3.35 -7.64 16.67
CA VAL B 11 -2.39 -7.67 15.58
C VAL B 11 -2.86 -6.78 14.43
N LEU B 12 -4.15 -6.87 14.11
CA LEU B 12 -4.74 -6.04 13.06
C LEU B 12 -4.62 -4.55 13.42
N PHE B 13 -4.93 -4.22 14.67
CA PHE B 13 -4.90 -2.84 15.14
C PHE B 13 -3.49 -2.26 15.04
N ALA B 14 -2.50 -3.07 15.43
CA ALA B 14 -1.11 -2.65 15.34
C ALA B 14 -0.70 -2.43 13.88
N SER B 15 -1.21 -3.28 13.00
CA SER B 15 -0.93 -3.18 11.57
C SER B 15 -1.53 -1.91 10.98
N ALA B 16 -2.60 -1.42 11.59
CA ALA B 16 -3.31 -0.24 11.07
C ALA B 16 -2.96 1.04 11.84
N ALA B 17 -2.03 0.95 12.79
CA ALA B 17 -1.66 2.09 13.63
C ALA B 17 -1.43 3.42 12.89
N PRO B 18 -0.66 3.40 11.78
CA PRO B 18 -0.51 4.70 11.10
C PRO B 18 -1.75 5.15 10.33
N ALA B 19 -2.72 4.25 10.13
CA ALA B 19 -3.93 4.59 9.38
C ALA B 19 -5.07 5.04 10.29
N ILE B 20 -4.97 4.71 11.57
CA ILE B 20 -6.00 5.02 12.55
C ILE B 20 -5.82 6.42 13.15
N THR B 21 -6.56 7.39 12.61
CA THR B 21 -6.44 8.78 13.05
C THR B 21 -7.71 9.33 13.70
N CYS B 22 -8.85 8.66 13.49
CA CYS B 22 -10.09 9.10 14.10
C CYS B 22 -10.88 7.94 14.69
N ARG B 23 -11.90 8.27 15.49
CA ARG B 23 -12.75 7.26 16.12
C ARG B 23 -13.35 6.28 15.11
N GLN B 24 -13.75 6.80 13.95
CA GLN B 24 -14.37 5.97 12.91
C GLN B 24 -13.43 4.88 12.41
N ASP B 25 -12.14 5.23 12.29
CA ASP B 25 -11.13 4.28 11.82
C ASP B 25 -11.06 3.09 12.76
N ALA B 26 -11.08 3.38 14.06
CA ALA B 26 -11.01 2.33 15.09
C ALA B 26 -12.26 1.46 15.09
N LEU B 27 -13.41 2.07 14.89
CA LEU B 27 -14.66 1.30 14.84
C LEU B 27 -14.69 0.38 13.62
N VAL B 28 -14.27 0.90 12.48
CA VAL B 28 -14.27 0.13 11.24
C VAL B 28 -13.23 -1.00 11.30
N CYS B 29 -12.12 -0.75 11.99
CA CYS B 29 -11.10 -1.77 12.21
C CYS B 29 -11.70 -2.95 12.98
N PHE B 30 -12.44 -2.64 14.05
CA PHE B 30 -13.12 -3.64 14.87
C PHE B 30 -14.16 -4.40 14.04
N LEU B 31 -14.96 -3.65 13.28
CA LEU B 31 -16.00 -4.24 12.45
C LEU B 31 -15.41 -5.18 11.40
N HIS B 32 -14.32 -4.76 10.77
CA HIS B 32 -13.63 -5.56 9.78
C HIS B 32 -13.23 -6.92 10.36
N TRP B 33 -12.69 -6.90 11.57
CA TRP B 33 -12.23 -8.15 12.18
C TRP B 33 -13.39 -9.04 12.59
N GLU B 34 -14.52 -8.44 12.94
CA GLU B 34 -15.73 -9.20 13.19
C GLU B 34 -16.16 -9.96 11.95
N VAL B 35 -16.03 -9.30 10.80
CA VAL B 35 -16.43 -9.89 9.52
C VAL B 35 -15.46 -10.99 9.12
N VAL B 36 -14.16 -10.72 9.25
CA VAL B 36 -13.14 -11.72 8.93
C VAL B 36 -13.25 -12.96 9.83
N THR B 37 -13.40 -12.75 11.13
CA THR B 37 -13.46 -13.89 12.06
C THR B 37 -14.72 -14.71 11.89
N HIS B 38 -15.70 -14.16 11.18
CA HIS B 38 -16.91 -14.91 10.88
C HIS B 38 -16.93 -15.49 9.47
N GLY B 39 -15.74 -15.64 8.90
CA GLY B 39 -15.58 -16.45 7.71
C GLY B 39 -15.38 -15.72 6.40
N TYR B 40 -15.35 -14.40 6.44
CA TYR B 40 -15.17 -13.63 5.22
C TYR B 40 -13.74 -13.08 5.08
N CYS B 41 -13.35 -12.85 3.83
CA CYS B 41 -12.07 -12.21 3.54
C CYS B 41 -12.37 -10.87 2.88
N GLY B 42 -11.50 -9.88 3.09
CA GLY B 42 -11.62 -8.61 2.42
C GLY B 42 -11.27 -8.77 0.95
N LEU B 43 -11.90 -7.98 0.10
CA LEU B 43 -11.61 -8.00 -1.33
C LEU B 43 -11.01 -6.68 -1.76
N GLY B 44 -11.55 -5.59 -1.24
CA GLY B 44 -11.11 -4.26 -1.60
C GLY B 44 -12.09 -3.19 -1.16
N VAL B 45 -11.94 -1.99 -1.70
CA VAL B 45 -12.78 -0.85 -1.31
C VAL B 45 -13.67 -0.41 -2.47
N GLY B 46 -14.67 0.41 -2.17
CA GLY B 46 -15.57 0.90 -3.19
C GLY B 46 -16.66 -0.11 -3.51
N ASP B 47 -17.64 0.31 -4.30
CA ASP B 47 -18.79 -0.54 -4.60
C ASP B 47 -18.53 -1.50 -5.77
N GLN B 48 -17.35 -1.39 -6.39
CA GLN B 48 -17.01 -2.21 -7.55
C GLN B 48 -15.56 -2.69 -7.49
N PRO B 49 -15.27 -3.85 -8.11
CA PRO B 49 -13.90 -4.39 -8.14
C PRO B 49 -12.92 -3.45 -8.83
N GLY B 50 -11.73 -3.29 -8.25
CA GLY B 50 -10.67 -2.53 -8.86
C GLY B 50 -9.48 -3.44 -9.11
N PRO B 51 -8.43 -2.91 -9.77
CA PRO B 51 -7.20 -3.69 -9.97
C PRO B 51 -6.41 -3.89 -8.68
N ASN B 52 -6.75 -3.15 -7.64
CA ASN B 52 -6.11 -3.29 -6.33
C ASN B 52 -6.72 -4.39 -5.47
N ASP B 53 -7.77 -5.00 -6.00
CA ASP B 53 -8.48 -6.07 -5.30
C ASP B 53 -7.57 -7.25 -4.96
N LYS B 54 -7.55 -7.63 -3.69
CA LYS B 54 -6.85 -8.81 -3.22
C LYS B 54 -7.70 -9.47 -2.15
N LYS B 55 -7.90 -10.78 -2.23
CA LYS B 55 -8.63 -11.50 -1.20
C LYS B 55 -7.71 -11.69 -0.01
N SER B 56 -8.05 -11.08 1.13
CA SER B 56 -7.10 -11.00 2.24
C SER B 56 -7.76 -10.68 3.58
N GLU B 57 -7.08 -11.04 4.66
CA GLU B 57 -7.54 -10.73 6.02
C GLU B 57 -7.25 -9.28 6.38
N LEU B 58 -6.22 -8.72 5.74
CA LEU B 58 -5.76 -7.38 6.06
C LEU B 58 -6.78 -6.34 5.65
N LEU B 59 -6.74 -5.18 6.28
CA LEU B 59 -7.59 -4.07 5.89
C LEU B 59 -7.18 -3.64 4.48
N PRO B 60 -8.16 -3.52 3.57
CA PRO B 60 -7.93 -3.22 2.16
C PRO B 60 -7.22 -1.88 2.02
N ALA B 61 -6.27 -1.76 1.10
CA ALA B 61 -5.59 -0.49 0.88
C ALA B 61 -6.62 0.60 0.54
N GLY B 62 -6.51 1.75 1.21
CA GLY B 62 -7.42 2.86 0.97
C GLY B 62 -8.69 2.79 1.81
N TRP B 63 -8.77 1.82 2.71
CA TRP B 63 -9.96 1.58 3.52
C TRP B 63 -10.33 2.80 4.37
N ASN B 64 -9.32 3.58 4.74
CA ASN B 64 -9.50 4.70 5.66
C ASN B 64 -9.39 6.07 4.99
N ASN B 65 -9.52 6.09 3.67
CA ASN B 65 -9.32 7.33 2.91
C ASN B 65 -10.50 8.31 2.93
N ASN B 66 -11.64 7.86 3.46
CA ASN B 66 -12.82 8.72 3.62
C ASN B 66 -13.40 8.54 5.01
N LYS B 67 -13.23 9.54 5.88
CA LYS B 67 -13.67 9.43 7.27
C LYS B 67 -15.19 9.54 7.41
N ASP B 68 -15.85 9.94 6.33
CA ASP B 68 -17.30 10.10 6.35
C ASP B 68 -18.02 8.88 5.80
N LEU B 69 -17.32 8.10 5.00
CA LEU B 69 -17.94 6.96 4.33
C LEU B 69 -16.95 5.85 4.03
N TYR B 70 -17.11 4.72 4.71
CA TYR B 70 -16.27 3.54 4.49
C TYR B 70 -17.05 2.53 3.67
N VAL B 71 -16.49 2.15 2.53
CA VAL B 71 -17.13 1.15 1.67
C VAL B 71 -16.14 0.02 1.43
N LEU B 72 -16.42 -1.14 2.00
CA LEU B 72 -15.51 -2.28 1.95
C LEU B 72 -16.23 -3.51 1.40
N ARG B 73 -15.56 -4.25 0.52
CA ARG B 73 -16.15 -5.45 -0.06
C ARG B 73 -15.51 -6.71 0.48
N TYR B 74 -16.31 -7.75 0.65
CA TYR B 74 -15.84 -9.01 1.22
C TYR B 74 -16.31 -10.18 0.39
N GLU B 75 -15.68 -11.34 0.61
CA GLU B 75 -16.08 -12.56 -0.04
C GLU B 75 -15.79 -13.73 0.89
N TYR B 76 -16.73 -14.68 0.98
CA TYR B 76 -16.60 -15.83 1.87
C TYR B 76 -15.28 -16.56 1.61
N LYS B 77 -14.61 -16.99 2.69
CA LYS B 77 -13.20 -17.42 2.62
C LYS B 77 -12.85 -18.39 1.48
N ASP B 78 -13.51 -19.54 1.43
CA ASP B 78 -13.32 -20.46 0.31
C ASP B 78 -14.61 -20.63 -0.49
N GLY B 79 -15.23 -19.49 -0.79
CA GLY B 79 -16.44 -19.46 -1.59
C GLY B 79 -16.54 -18.20 -2.45
N SER B 80 -17.70 -17.99 -3.04
CA SER B 80 -17.92 -16.89 -3.97
C SER B 80 -18.91 -15.88 -3.41
N ARG B 81 -19.45 -16.18 -2.24
CA ARG B 81 -20.46 -15.35 -1.59
C ARG B 81 -19.90 -13.97 -1.24
N LYS B 82 -20.56 -12.91 -1.70
CA LYS B 82 -20.01 -11.56 -1.55
C LYS B 82 -20.84 -10.62 -0.66
N LEU B 83 -20.15 -9.72 0.03
CA LEU B 83 -20.79 -8.72 0.87
C LEU B 83 -20.29 -7.32 0.51
N LEU B 84 -21.20 -6.35 0.59
CA LEU B 84 -20.81 -4.94 0.48
C LEU B 84 -21.12 -4.25 1.82
N VAL B 85 -20.07 -3.84 2.52
CA VAL B 85 -20.22 -3.23 3.84
C VAL B 85 -20.01 -1.73 3.79
N LYS B 86 -20.98 -0.98 4.31
CA LYS B 86 -20.85 0.46 4.39
C LYS B 86 -20.91 0.94 5.84
N ALA B 87 -19.97 1.81 6.19
CA ALA B 87 -19.97 2.46 7.50
C ALA B 87 -20.08 3.95 7.23
N ILE B 88 -21.21 4.53 7.64
CA ILE B 88 -21.55 5.91 7.30
C ILE B 88 -21.51 6.80 8.54
N THR B 89 -20.64 7.80 8.53
CA THR B 89 -20.53 8.72 9.67
C THR B 89 -21.68 9.71 9.70
N VAL B 90 -22.37 9.79 10.83
CA VAL B 90 -23.39 10.80 11.05
C VAL B 90 -23.10 11.49 12.37
N GLU B 91 -22.33 12.57 12.32
CA GLU B 91 -21.86 13.26 13.53
C GLU B 91 -21.10 12.32 14.48
N SER B 92 -21.63 12.07 15.68
CA SER B 92 -20.93 11.15 16.59
C SER B 92 -21.42 9.71 16.51
N SER B 93 -22.17 9.38 15.47
CA SER B 93 -22.64 8.02 15.25
C SER B 93 -22.17 7.48 13.91
N MET B 94 -22.21 6.16 13.75
CA MET B 94 -22.01 5.56 12.45
C MET B 94 -23.20 4.67 12.11
N ILE B 95 -23.67 4.75 10.87
CA ILE B 95 -24.70 3.85 10.37
C ILE B 95 -24.02 2.74 9.58
N LEU B 96 -24.16 1.51 10.08
CA LEU B 96 -23.57 0.35 9.43
C LEU B 96 -24.65 -0.33 8.61
N ASN B 97 -24.33 -0.68 7.37
CA ASN B 97 -25.21 -1.55 6.60
C ASN B 97 -24.49 -2.50 5.66
N VAL B 98 -25.10 -3.66 5.43
CA VAL B 98 -24.47 -4.71 4.65
C VAL B 98 -25.43 -5.15 3.56
N LEU B 99 -24.90 -5.34 2.36
CA LEU B 99 -25.68 -5.89 1.26
C LEU B 99 -24.96 -7.11 0.69
N GLU B 100 -25.69 -8.22 0.58
CA GLU B 100 -25.11 -9.43 0.01
C GLU B 100 -25.46 -9.55 -1.46
N VAL B 106 -30.34 -6.89 3.50
CA VAL B 106 -29.73 -5.60 3.81
C VAL B 106 -29.79 -5.29 5.31
N ALA B 107 -28.86 -5.86 6.07
CA ALA B 107 -28.80 -5.62 7.51
C ALA B 107 -28.26 -4.23 7.81
N ASP B 108 -28.78 -3.61 8.87
CA ASP B 108 -28.32 -2.29 9.27
C ASP B 108 -28.16 -2.20 10.79
N LEU B 109 -27.44 -1.18 11.25
CA LEU B 109 -27.09 -1.05 12.65
C LEU B 109 -26.49 0.34 12.90
N THR B 110 -27.01 1.06 13.89
CA THR B 110 -26.50 2.39 14.22
C THR B 110 -25.76 2.39 15.55
N LEU B 111 -24.48 2.77 15.52
CA LEU B 111 -23.65 2.77 16.70
C LEU B 111 -23.18 4.17 17.08
N ASN B 112 -23.26 4.50 18.36
CA ASN B 112 -22.69 5.75 18.88
C ASN B 112 -21.21 5.56 19.19
N LEU B 113 -20.36 6.37 18.58
CA LEU B 113 -18.91 6.25 18.73
C LEU B 113 -18.47 6.45 20.17
N ASP B 114 -19.16 7.34 20.88
CA ASP B 114 -18.85 7.65 22.27
C ASP B 114 -19.04 6.44 23.18
N ASP B 115 -19.94 5.54 22.79
CA ASP B 115 -20.23 4.34 23.59
C ASP B 115 -19.13 3.29 23.49
N TYR B 116 -18.40 3.28 22.38
CA TYR B 116 -17.51 2.16 22.09
C TYR B 116 -16.06 2.53 21.83
N ILE B 117 -15.80 3.79 21.49
CA ILE B 117 -14.44 4.24 21.21
C ILE B 117 -14.03 5.36 22.15
N ASP B 118 -12.86 5.25 22.76
CA ASP B 118 -12.32 6.33 23.58
C ASP B 118 -11.36 7.17 22.75
N ALA B 119 -11.80 8.36 22.36
CA ALA B 119 -11.03 9.23 21.47
C ALA B 119 -9.71 9.68 22.12
N GLU B 120 -9.67 9.67 23.44
CA GLU B 120 -8.47 10.12 24.16
C GLU B 120 -7.35 9.08 24.11
N HIS B 121 -7.67 7.88 23.65
CA HIS B 121 -6.67 6.79 23.66
C HIS B 121 -6.62 5.97 22.38
N LEU B 122 -6.66 6.64 21.24
CA LEU B 122 -6.59 5.96 19.95
C LEU B 122 -5.23 5.30 19.69
N GLY B 123 -4.21 5.72 20.43
CA GLY B 123 -2.88 5.16 20.27
C GLY B 123 -2.58 4.05 21.26
N ASP B 124 -3.55 3.79 22.14
CA ASP B 124 -3.42 2.75 23.15
C ASP B 124 -4.50 1.69 22.95
N PHE B 125 -4.14 0.58 22.28
CA PHE B 125 -5.10 -0.47 21.94
C PHE B 125 -5.96 -0.94 23.10
N HIS B 126 -5.37 -1.06 24.28
CA HIS B 126 -6.11 -1.59 25.43
C HIS B 126 -7.08 -0.58 26.06
N ARG B 127 -7.03 0.66 25.61
CA ARG B 127 -7.97 1.68 26.11
C ARG B 127 -8.77 2.33 24.99
N THR B 128 -8.55 1.89 23.75
CA THR B 128 -9.28 2.40 22.59
C THR B 128 -10.75 2.00 22.62
N TYR B 129 -11.01 0.72 22.92
CA TYR B 129 -12.36 0.19 22.86
C TYR B 129 -13.04 0.11 24.22
N LYS B 130 -14.30 0.55 24.27
CA LYS B 130 -15.10 0.46 25.49
C LYS B 130 -16.30 -0.43 25.22
N ASN B 131 -16.75 -1.15 26.25
CA ASN B 131 -17.92 -2.01 26.14
C ASN B 131 -17.82 -2.95 24.95
N SER B 132 -16.62 -3.51 24.76
CA SER B 132 -16.32 -4.30 23.57
C SER B 132 -17.16 -5.57 23.46
N GLU B 133 -17.55 -6.14 24.60
CA GLU B 133 -18.36 -7.34 24.59
C GLU B 133 -19.76 -7.03 24.09
N GLU B 134 -20.27 -5.86 24.45
CA GLU B 134 -21.56 -5.41 23.96
C GLU B 134 -21.48 -5.04 22.48
N LEU B 135 -20.36 -4.42 22.10
CA LEU B 135 -20.12 -4.07 20.70
C LEU B 135 -20.10 -5.32 19.82
N ARG B 136 -19.45 -6.38 20.32
CA ARG B 136 -19.40 -7.65 19.60
C ARG B 136 -20.80 -8.22 19.41
N SER B 137 -21.59 -8.25 20.48
CA SER B 137 -22.93 -8.83 20.42
C SER B 137 -23.87 -8.06 19.49
N ARG B 138 -23.76 -6.74 19.49
CA ARG B 138 -24.60 -5.93 18.61
C ARG B 138 -24.22 -6.09 17.14
N ILE B 139 -22.93 -6.14 16.86
CA ILE B 139 -22.45 -6.39 15.50
C ILE B 139 -22.84 -7.78 15.02
N VAL B 140 -22.73 -8.78 15.91
CA VAL B 140 -23.10 -10.15 15.56
C VAL B 140 -24.61 -10.26 15.28
N SER B 141 -25.42 -9.77 16.22
CA SER B 141 -26.87 -9.90 16.11
C SER B 141 -27.46 -8.96 15.07
N GLY B 142 -26.81 -7.82 14.85
CA GLY B 142 -27.32 -6.81 13.94
C GLY B 142 -26.81 -6.95 12.52
N ILE B 143 -25.59 -7.47 12.38
CA ILE B 143 -24.96 -7.58 11.07
C ILE B 143 -24.73 -9.05 10.67
N ILE B 144 -23.88 -9.74 11.43
CA ILE B 144 -23.48 -11.11 11.09
C ILE B 144 -24.64 -12.11 11.01
N THR B 145 -25.38 -12.25 12.10
CA THR B 145 -26.50 -13.19 12.16
C THR B 145 -27.55 -13.05 11.04
N PRO B 146 -28.03 -11.81 10.77
CA PRO B 146 -28.95 -11.64 9.64
C PRO B 146 -28.37 -12.14 8.32
N ILE B 147 -27.07 -11.92 8.08
CA ILE B 147 -26.43 -12.40 6.85
C ILE B 147 -26.45 -13.92 6.80
N HIS B 148 -26.04 -14.54 7.90
CA HIS B 148 -25.96 -16.00 7.98
C HIS B 148 -27.35 -16.65 7.83
N GLU B 149 -28.38 -15.96 8.29
CA GLU B 149 -29.75 -16.49 8.21
C GLU B 149 -30.33 -16.35 6.80
N GLN B 150 -29.98 -15.28 6.11
CA GLN B 150 -30.35 -15.09 4.71
C GLN B 150 -29.71 -16.20 3.89
N TRP B 151 -28.57 -16.68 4.37
CA TRP B 151 -27.85 -17.77 3.73
C TRP B 151 -28.58 -19.09 3.94
N GLU B 152 -29.13 -19.27 5.14
CA GLU B 152 -29.85 -20.49 5.49
C GLU B 152 -31.16 -20.65 4.74
N LYS B 153 -31.87 -19.54 4.51
CA LYS B 153 -33.19 -19.60 3.89
C LYS B 153 -33.13 -19.91 2.39
N ALA B 154 -32.12 -19.40 1.71
CA ALA B 154 -31.95 -19.63 0.29
C ALA B 154 -31.08 -20.85 0.03
N ASN B 155 -30.54 -21.41 1.12
CA ASN B 155 -29.69 -22.60 1.06
C ASN B 155 -28.46 -22.41 0.17
N SER C 3 13.08 7.43 -26.90
CA SER C 3 11.77 7.90 -27.32
C SER C 3 11.10 8.75 -26.25
N SER C 4 10.52 8.08 -25.25
CA SER C 4 9.81 8.77 -24.18
C SER C 4 10.71 9.70 -23.38
N PRO C 5 10.18 10.85 -22.96
CA PRO C 5 10.95 11.81 -22.17
C PRO C 5 10.96 11.37 -20.72
N MET C 6 11.68 12.09 -19.87
CA MET C 6 11.69 11.79 -18.45
C MET C 6 10.82 12.80 -17.72
N ALA C 7 9.88 13.37 -18.45
CA ALA C 7 8.88 14.27 -17.86
C ALA C 7 8.19 13.57 -16.71
N GLY C 8 8.21 14.21 -15.54
CA GLY C 8 7.67 13.61 -14.33
C GLY C 8 8.74 13.36 -13.29
N LEU C 9 10.00 13.36 -13.72
CA LEU C 9 11.11 13.09 -12.80
C LEU C 9 11.18 14.12 -11.69
N GLU C 10 10.99 15.39 -12.05
CA GLU C 10 11.02 16.48 -11.09
C GLU C 10 9.92 16.30 -10.05
N VAL C 11 8.72 15.96 -10.52
CA VAL C 11 7.58 15.75 -9.64
C VAL C 11 7.82 14.53 -8.75
N LEU C 12 8.39 13.49 -9.34
CA LEU C 12 8.73 12.27 -8.60
C LEU C 12 9.77 12.57 -7.51
N PHE C 13 10.80 13.32 -7.88
CA PHE C 13 11.86 13.73 -6.95
C PHE C 13 11.26 14.55 -5.81
N ALA C 14 10.39 15.50 -6.16
CA ALA C 14 9.70 16.31 -5.16
C ALA C 14 8.82 15.43 -4.26
N SER C 15 8.33 14.33 -4.83
CA SER C 15 7.52 13.37 -4.07
C SER C 15 8.38 12.40 -3.27
N ALA C 16 9.64 12.78 -3.01
CA ALA C 16 10.58 11.87 -2.37
C ALA C 16 11.71 12.57 -1.59
N ALA C 17 11.94 13.84 -1.88
CA ALA C 17 13.07 14.59 -1.30
C ALA C 17 13.20 14.57 0.25
N PRO C 18 12.07 14.68 0.98
CA PRO C 18 12.20 14.50 2.43
C PRO C 18 12.60 13.09 2.83
N ALA C 19 12.50 12.13 1.91
CA ALA C 19 12.86 10.74 2.20
C ALA C 19 14.22 10.37 1.61
N ILE C 20 14.67 11.12 0.61
CA ILE C 20 16.00 10.94 0.05
C ILE C 20 17.08 11.41 1.03
N THR C 21 17.99 10.51 1.39
CA THR C 21 18.98 10.79 2.43
C THR C 21 20.40 10.55 1.94
N CYS C 22 20.55 9.88 0.80
CA CYS C 22 21.88 9.58 0.27
C CYS C 22 21.90 9.52 -1.25
N ARG C 23 23.10 9.45 -1.82
CA ARG C 23 23.28 9.41 -3.27
C ARG C 23 22.49 8.29 -3.92
N GLN C 24 22.54 7.11 -3.31
CA GLN C 24 21.89 5.93 -3.84
C GLN C 24 20.37 6.10 -3.98
N ASP C 25 19.75 6.78 -3.03
CA ASP C 25 18.32 7.06 -3.10
C ASP C 25 17.99 7.85 -4.37
N ALA C 26 18.80 8.87 -4.63
CA ALA C 26 18.58 9.72 -5.78
C ALA C 26 18.78 8.96 -7.09
N LEU C 27 19.77 8.07 -7.12
CA LEU C 27 20.03 7.27 -8.31
C LEU C 27 18.89 6.29 -8.57
N VAL C 28 18.39 5.67 -7.51
CA VAL C 28 17.31 4.70 -7.63
C VAL C 28 16.01 5.40 -8.06
N CYS C 29 15.81 6.61 -7.56
CA CYS C 29 14.64 7.40 -7.95
C CYS C 29 14.66 7.67 -9.46
N PHE C 30 15.85 7.99 -9.97
CA PHE C 30 16.05 8.24 -11.39
C PHE C 30 15.76 6.97 -12.19
N LEU C 31 16.32 5.86 -11.75
CA LEU C 31 16.14 4.56 -12.40
C LEU C 31 14.66 4.17 -12.41
N HIS C 32 13.98 4.42 -11.29
CA HIS C 32 12.55 4.13 -11.18
C HIS C 32 11.78 4.83 -12.29
N TRP C 33 12.09 6.09 -12.54
CA TRP C 33 11.35 6.85 -13.53
C TRP C 33 11.67 6.42 -14.95
N GLU C 34 12.89 5.96 -15.19
CA GLU C 34 13.25 5.38 -16.47
C GLU C 34 12.39 4.15 -16.71
N VAL C 35 12.21 3.34 -15.68
CA VAL C 35 11.40 2.13 -15.77
C VAL C 35 9.94 2.46 -16.02
N VAL C 36 9.41 3.41 -15.25
CA VAL C 36 7.99 3.80 -15.37
C VAL C 36 7.67 4.43 -16.73
N THR C 37 8.55 5.33 -17.20
CA THR C 37 8.31 6.01 -18.47
C THR C 37 8.42 5.06 -19.66
N HIS C 38 9.00 3.88 -19.44
CA HIS C 38 9.08 2.87 -20.49
C HIS C 38 8.00 1.80 -20.36
N GLY C 39 6.91 2.16 -19.67
CA GLY C 39 5.69 1.38 -19.71
C GLY C 39 5.39 0.49 -18.52
N TYR C 40 6.22 0.55 -17.49
CA TYR C 40 6.01 -0.27 -16.29
C TYR C 40 5.34 0.49 -15.16
N CYS C 41 4.76 -0.27 -14.23
CA CYS C 41 4.24 0.28 -12.98
C CYS C 41 5.02 -0.31 -11.83
N GLY C 42 5.29 0.50 -10.81
CA GLY C 42 5.87 0.00 -9.58
C GLY C 42 4.85 -0.88 -8.89
N LEU C 43 5.30 -2.00 -8.34
CA LEU C 43 4.41 -2.95 -7.67
C LEU C 43 4.63 -2.93 -6.16
N GLY C 44 5.89 -3.12 -5.76
CA GLY C 44 6.25 -3.19 -4.35
C GLY C 44 7.74 -3.39 -4.18
N VAL C 45 8.15 -3.71 -2.97
CA VAL C 45 9.56 -3.88 -2.66
C VAL C 45 9.82 -5.32 -2.21
N GLY C 46 11.08 -5.76 -2.32
CA GLY C 46 11.44 -7.10 -1.88
C GLY C 46 11.31 -8.13 -2.98
N ASP C 47 11.83 -9.33 -2.72
CA ASP C 47 11.79 -10.41 -3.70
C ASP C 47 10.38 -10.96 -3.87
N GLN C 48 9.59 -10.85 -2.81
CA GLN C 48 8.30 -11.53 -2.76
C GLN C 48 7.13 -10.57 -2.70
N PRO C 49 6.02 -10.93 -3.37
CA PRO C 49 4.81 -10.10 -3.31
C PRO C 49 4.29 -10.03 -1.88
N GLY C 50 3.62 -8.93 -1.55
CA GLY C 50 3.02 -8.77 -0.23
C GLY C 50 1.71 -8.02 -0.35
N PRO C 51 0.94 -7.96 0.75
CA PRO C 51 -0.32 -7.21 0.80
C PRO C 51 -0.13 -5.71 0.56
N ASN C 52 1.08 -5.21 0.79
CA ASN C 52 1.38 -3.80 0.57
C ASN C 52 1.65 -3.47 -0.90
N ASP C 53 1.71 -4.49 -1.73
CA ASP C 53 1.86 -4.30 -3.16
C ASP C 53 0.73 -3.43 -3.70
N LYS C 54 1.08 -2.51 -4.60
CA LYS C 54 0.10 -1.66 -5.27
C LYS C 54 0.68 -1.13 -6.57
N LYS C 55 -0.02 -1.35 -7.68
CA LYS C 55 0.40 -0.79 -8.96
C LYS C 55 0.31 0.72 -8.91
N SER C 56 1.44 1.39 -9.14
CA SER C 56 1.48 2.84 -9.08
C SER C 56 2.75 3.35 -9.76
N GLU C 57 2.70 4.60 -10.22
CA GLU C 57 3.89 5.24 -10.77
C GLU C 57 4.81 5.66 -9.63
N LEU C 58 4.20 5.83 -8.46
CA LEU C 58 4.92 6.31 -7.28
C LEU C 58 5.95 5.30 -6.82
N LEU C 59 6.97 5.78 -6.10
CA LEU C 59 7.93 4.89 -5.48
C LEU C 59 7.20 4.04 -4.45
N PRO C 60 7.39 2.70 -4.51
CA PRO C 60 6.73 1.78 -3.59
C PRO C 60 7.09 2.09 -2.14
N ALA C 61 6.14 1.93 -1.22
CA ALA C 61 6.41 2.14 0.20
C ALA C 61 7.56 1.25 0.67
N GLY C 62 8.53 1.86 1.35
CA GLY C 62 9.68 1.13 1.88
C GLY C 62 10.83 1.01 0.90
N TRP C 63 10.73 1.72 -0.21
CA TRP C 63 11.70 1.61 -1.32
C TRP C 63 13.13 1.94 -0.91
N ASN C 64 13.30 2.88 0.00
CA ASN C 64 14.64 3.32 0.41
C ASN C 64 15.00 2.88 1.82
N ASN C 65 14.36 1.83 2.31
CA ASN C 65 14.65 1.29 3.64
C ASN C 65 16.08 0.78 3.77
N ASN C 66 16.59 0.19 2.69
CA ASN C 66 17.92 -0.40 2.69
C ASN C 66 18.84 0.33 1.72
N LYS C 67 19.85 1.02 2.26
CA LYS C 67 20.75 1.82 1.44
C LYS C 67 21.81 0.98 0.73
N ASP C 68 21.92 -0.28 1.14
CA ASP C 68 22.92 -1.19 0.58
C ASP C 68 22.35 -1.98 -0.59
N LEU C 69 21.04 -2.20 -0.56
CA LEU C 69 20.39 -3.05 -1.54
C LEU C 69 18.93 -2.65 -1.76
N TYR C 70 18.64 -2.15 -2.95
CA TYR C 70 17.28 -1.77 -3.33
C TYR C 70 16.68 -2.88 -4.17
N VAL C 71 15.57 -3.44 -3.72
CA VAL C 71 14.90 -4.49 -4.48
C VAL C 71 13.47 -4.04 -4.79
N LEU C 72 13.20 -3.78 -6.06
CA LEU C 72 11.91 -3.24 -6.47
C LEU C 72 11.27 -4.10 -7.54
N ARG C 73 9.97 -4.35 -7.39
CA ARG C 73 9.24 -5.17 -8.36
C ARG C 73 8.35 -4.31 -9.24
N TYR C 74 8.34 -4.64 -10.53
CA TYR C 74 7.55 -3.90 -11.50
C TYR C 74 6.68 -4.85 -12.30
N GLU C 75 5.61 -4.29 -12.86
CA GLU C 75 4.73 -5.03 -13.73
C GLU C 75 4.39 -4.13 -14.90
N TYR C 76 4.38 -4.68 -16.11
CA TYR C 76 4.04 -3.90 -17.28
C TYR C 76 2.61 -3.38 -17.14
N LYS C 77 2.34 -2.24 -17.75
CA LYS C 77 1.04 -1.58 -17.59
C LYS C 77 -0.17 -2.45 -17.97
N ASP C 78 0.06 -3.46 -18.82
CA ASP C 78 -1.02 -4.37 -19.20
C ASP C 78 -1.02 -5.69 -18.42
N GLY C 79 0.01 -5.88 -17.61
CA GLY C 79 0.12 -7.07 -16.78
C GLY C 79 0.80 -8.26 -17.43
N SER C 80 1.33 -8.06 -18.64
CA SER C 80 1.94 -9.16 -19.40
C SER C 80 3.29 -9.63 -18.85
N ARG C 81 4.07 -8.71 -18.29
CA ARG C 81 5.41 -9.05 -17.81
C ARG C 81 5.73 -8.43 -16.46
N LYS C 82 6.66 -9.05 -15.75
CA LYS C 82 7.11 -8.53 -14.45
C LYS C 82 8.63 -8.35 -14.42
N LEU C 83 9.09 -7.41 -13.61
CA LEU C 83 10.50 -7.11 -13.47
C LEU C 83 10.92 -7.17 -12.01
N LEU C 84 12.06 -7.80 -11.75
CA LEU C 84 12.69 -7.72 -10.45
C LEU C 84 13.95 -6.88 -10.62
N VAL C 85 13.94 -5.68 -10.02
CA VAL C 85 15.05 -4.75 -10.17
C VAL C 85 15.86 -4.67 -8.88
N LYS C 86 17.17 -4.81 -8.99
CA LYS C 86 18.05 -4.71 -7.84
C LYS C 86 19.16 -3.68 -8.07
N ALA C 87 19.29 -2.75 -7.13
CA ALA C 87 20.36 -1.76 -7.16
C ALA C 87 21.26 -2.04 -5.97
N ILE C 88 22.50 -2.45 -6.26
CA ILE C 88 23.41 -2.91 -5.23
C ILE C 88 24.54 -1.90 -5.00
N THR C 89 24.63 -1.37 -3.78
CA THR C 89 25.68 -0.42 -3.46
C THR C 89 27.03 -1.13 -3.30
N VAL C 90 28.00 -0.77 -4.12
CA VAL C 90 29.35 -1.32 -4.01
C VAL C 90 30.34 -0.18 -4.02
N GLU C 91 30.86 0.16 -2.83
CA GLU C 91 31.79 1.28 -2.68
C GLU C 91 31.15 2.59 -3.17
N SER C 92 31.73 3.23 -4.18
CA SER C 92 31.17 4.47 -4.70
C SER C 92 30.24 4.23 -5.89
N SER C 93 29.94 2.96 -6.15
CA SER C 93 29.14 2.62 -7.32
C SER C 93 27.86 1.87 -6.96
N MET C 94 26.97 1.72 -7.93
CA MET C 94 25.84 0.83 -7.79
C MET C 94 25.82 -0.14 -8.96
N ILE C 95 25.65 -1.43 -8.66
CA ILE C 95 25.42 -2.41 -9.71
C ILE C 95 23.92 -2.60 -9.88
N LEU C 96 23.43 -2.37 -11.09
CA LEU C 96 22.02 -2.58 -11.38
C LEU C 96 21.84 -3.90 -12.11
N ASN C 97 21.06 -4.81 -11.55
CA ASN C 97 20.62 -5.96 -12.33
C ASN C 97 19.11 -6.17 -12.32
N VAL C 98 18.57 -6.43 -13.50
CA VAL C 98 17.14 -6.56 -13.71
C VAL C 98 16.84 -7.94 -14.26
N LEU C 99 15.83 -8.60 -13.70
CA LEU C 99 15.39 -9.90 -14.17
C LEU C 99 13.91 -9.84 -14.53
N GLU C 100 13.57 -10.34 -15.72
CA GLU C 100 12.18 -10.43 -16.13
C GLU C 100 11.64 -11.81 -15.82
N VAL C 106 19.73 -11.75 -17.64
CA VAL C 106 19.90 -10.76 -16.58
C VAL C 106 20.69 -9.55 -17.07
N ALA C 107 20.02 -8.41 -17.15
CA ALA C 107 20.67 -7.17 -17.57
C ALA C 107 21.51 -6.58 -16.44
N ASP C 108 22.78 -6.30 -16.72
CA ASP C 108 23.69 -5.82 -15.70
C ASP C 108 24.35 -4.49 -16.09
N LEU C 109 24.43 -3.56 -15.15
CA LEU C 109 24.97 -2.23 -15.41
C LEU C 109 25.58 -1.63 -14.16
N THR C 110 26.82 -1.15 -14.28
CA THR C 110 27.54 -0.56 -13.15
C THR C 110 27.68 0.95 -13.30
N LEU C 111 27.16 1.68 -12.32
CA LEU C 111 27.17 3.15 -12.35
C LEU C 111 27.99 3.72 -11.21
N ASN C 112 28.97 4.56 -11.51
CA ASN C 112 29.72 5.28 -10.48
C ASN C 112 28.91 6.49 -10.02
N LEU C 113 28.56 6.51 -8.74
CA LEU C 113 27.74 7.58 -8.17
C LEU C 113 28.41 8.95 -8.28
N ASP C 114 29.73 8.97 -8.21
CA ASP C 114 30.50 10.21 -8.30
C ASP C 114 30.24 10.94 -9.61
N ASP C 115 29.89 10.17 -10.64
CA ASP C 115 29.72 10.73 -11.97
C ASP C 115 28.29 11.16 -12.30
N TYR C 116 27.34 10.81 -11.44
CA TYR C 116 25.92 11.08 -11.74
C TYR C 116 25.16 11.79 -10.64
N ILE C 117 25.64 11.70 -9.40
CA ILE C 117 24.94 12.31 -8.27
C ILE C 117 25.84 13.27 -7.50
N ASP C 118 25.32 14.45 -7.19
CA ASP C 118 26.03 15.43 -6.35
C ASP C 118 25.58 15.25 -4.90
N ALA C 119 26.45 14.68 -4.08
CA ALA C 119 26.09 14.28 -2.71
C ALA C 119 25.82 15.45 -1.76
N GLU C 120 26.20 16.66 -2.14
CA GLU C 120 26.04 17.81 -1.24
C GLU C 120 24.82 18.70 -1.56
N HIS C 121 23.98 18.28 -2.48
CA HIS C 121 22.79 19.05 -2.85
C HIS C 121 21.57 18.15 -3.10
N LEU C 122 21.41 17.13 -2.25
CA LEU C 122 20.36 16.12 -2.43
C LEU C 122 18.94 16.67 -2.28
N GLY C 123 18.81 17.87 -1.73
CA GLY C 123 17.50 18.48 -1.56
C GLY C 123 17.17 19.40 -2.71
N ASP C 124 18.14 19.60 -3.60
CA ASP C 124 17.98 20.44 -4.78
C ASP C 124 17.94 19.57 -6.03
N PHE C 125 16.76 19.44 -6.65
CA PHE C 125 16.59 18.59 -7.83
C PHE C 125 17.54 18.93 -8.97
N HIS C 126 17.75 20.22 -9.21
CA HIS C 126 18.51 20.67 -10.37
C HIS C 126 20.04 20.58 -10.21
N ARG C 127 20.49 20.32 -8.99
CA ARG C 127 21.92 20.18 -8.73
C ARG C 127 22.26 18.77 -8.27
N THR C 128 21.24 17.96 -8.01
CA THR C 128 21.41 16.57 -7.61
C THR C 128 22.00 15.71 -8.73
N TYR C 129 21.44 15.84 -9.93
CA TYR C 129 21.84 14.98 -11.04
C TYR C 129 22.87 15.62 -11.98
N LYS C 130 23.89 14.84 -12.31
CA LYS C 130 24.93 15.26 -13.24
C LYS C 130 24.98 14.28 -14.39
N ASN C 131 25.39 14.76 -15.56
CA ASN C 131 25.52 13.92 -16.74
C ASN C 131 24.24 13.10 -16.98
N SER C 132 23.10 13.76 -16.83
CA SER C 132 21.81 13.08 -16.87
C SER C 132 21.50 12.46 -18.23
N GLU C 133 21.95 13.13 -19.30
CA GLU C 133 21.75 12.61 -20.65
C GLU C 133 22.53 11.32 -20.87
N GLU C 134 23.75 11.28 -20.35
CA GLU C 134 24.54 10.05 -20.40
C GLU C 134 23.91 8.97 -19.54
N LEU C 135 23.40 9.37 -18.37
CA LEU C 135 22.74 8.44 -17.45
C LEU C 135 21.53 7.77 -18.11
N ARG C 136 20.67 8.59 -18.71
CA ARG C 136 19.51 8.08 -19.45
C ARG C 136 19.94 7.07 -20.50
N SER C 137 20.89 7.47 -21.33
CA SER C 137 21.39 6.64 -22.41
C SER C 137 21.94 5.29 -21.94
N ARG C 138 22.69 5.31 -20.83
CA ARG C 138 23.30 4.08 -20.32
C ARG C 138 22.27 3.15 -19.69
N ILE C 139 21.30 3.73 -18.97
CA ILE C 139 20.22 2.96 -18.39
C ILE C 139 19.35 2.35 -19.49
N VAL C 140 19.03 3.16 -20.50
CA VAL C 140 18.23 2.69 -21.63
C VAL C 140 18.93 1.56 -22.40
N SER C 141 20.18 1.79 -22.78
CA SER C 141 20.95 0.81 -23.55
C SER C 141 21.38 -0.39 -22.72
N GLY C 142 21.58 -0.18 -21.42
CA GLY C 142 22.06 -1.23 -20.54
C GLY C 142 20.96 -2.03 -19.86
N ILE C 143 19.85 -1.39 -19.57
CA ILE C 143 18.75 -2.05 -18.86
C ILE C 143 17.47 -2.13 -19.66
N ILE C 144 16.93 -0.98 -20.04
CA ILE C 144 15.64 -0.89 -20.73
C ILE C 144 15.59 -1.73 -22.01
N THR C 145 16.45 -1.39 -22.96
CA THR C 145 16.46 -2.03 -24.28
C THR C 145 16.70 -3.56 -24.28
N PRO C 146 17.72 -4.05 -23.54
CA PRO C 146 17.88 -5.50 -23.52
C PRO C 146 16.76 -6.25 -22.80
N ILE C 147 16.09 -5.62 -21.84
CA ILE C 147 14.93 -6.23 -21.19
C ILE C 147 13.79 -6.37 -22.20
N HIS C 148 13.52 -5.27 -22.89
CA HIS C 148 12.53 -5.24 -23.96
C HIS C 148 12.80 -6.31 -25.02
N GLU C 149 14.07 -6.49 -25.37
CA GLU C 149 14.45 -7.44 -26.41
C GLU C 149 14.50 -8.89 -25.92
N GLN C 150 14.58 -9.08 -24.61
CA GLN C 150 14.40 -10.41 -24.05
C GLN C 150 12.91 -10.75 -24.15
N TRP C 151 12.08 -9.72 -24.08
CA TRP C 151 10.63 -9.89 -24.26
C TRP C 151 10.27 -10.07 -25.72
N GLU C 152 11.10 -9.51 -26.61
CA GLU C 152 10.94 -9.75 -28.04
C GLU C 152 10.99 -11.24 -28.32
N LYS C 153 12.05 -11.89 -27.82
CA LYS C 153 12.27 -13.31 -28.14
C LYS C 153 11.31 -14.28 -27.45
N ALA C 154 10.13 -13.79 -27.08
CA ALA C 154 9.09 -14.62 -26.48
C ALA C 154 7.73 -14.33 -27.11
N SER D 4 3.38 10.38 -26.91
CA SER D 4 3.72 11.22 -25.79
C SER D 4 2.73 10.91 -24.68
N PRO D 5 3.16 10.12 -23.69
CA PRO D 5 2.22 9.61 -22.70
C PRO D 5 1.88 10.64 -21.64
N MET D 6 0.89 10.30 -20.83
CA MET D 6 0.55 11.08 -19.65
C MET D 6 1.20 10.48 -18.40
N ALA D 7 2.26 9.70 -18.61
CA ALA D 7 3.04 9.16 -17.51
C ALA D 7 3.48 10.31 -16.61
N GLY D 8 3.20 10.18 -15.32
CA GLY D 8 3.51 11.23 -14.37
C GLY D 8 2.27 11.86 -13.77
N LEU D 9 1.12 11.65 -14.40
CA LEU D 9 -0.13 12.25 -13.95
C LEU D 9 -0.48 11.82 -12.53
N GLU D 10 -0.28 10.53 -12.24
CA GLU D 10 -0.57 10.02 -10.91
C GLU D 10 0.30 10.70 -9.86
N VAL D 11 1.58 10.89 -10.18
CA VAL D 11 2.51 11.54 -9.26
C VAL D 11 2.15 13.00 -9.05
N LEU D 12 1.81 13.68 -10.14
CA LEU D 12 1.38 15.08 -10.07
C LEU D 12 0.12 15.22 -9.22
N PHE D 13 -0.84 14.32 -9.44
CA PHE D 13 -2.09 14.34 -8.70
C PHE D 13 -1.86 14.20 -7.20
N ALA D 14 -0.97 13.28 -6.82
CA ALA D 14 -0.62 13.08 -5.42
C ALA D 14 -0.05 14.36 -4.79
N SER D 15 0.75 15.08 -5.56
CA SER D 15 1.33 16.33 -5.08
C SER D 15 0.27 17.43 -4.95
N ALA D 16 -0.80 17.29 -5.72
CA ALA D 16 -1.83 18.33 -5.79
C ALA D 16 -3.02 18.07 -4.87
N ALA D 17 -3.34 16.79 -4.67
CA ALA D 17 -4.52 16.37 -3.89
C ALA D 17 -4.78 17.08 -2.54
N PRO D 18 -3.74 17.33 -1.73
CA PRO D 18 -4.01 18.02 -0.46
C PRO D 18 -4.59 19.42 -0.64
N ALA D 19 -4.41 19.99 -1.83
CA ALA D 19 -4.91 21.32 -2.13
C ALA D 19 -6.13 21.30 -3.05
N ILE D 20 -6.50 20.11 -3.52
CA ILE D 20 -7.69 19.94 -4.35
C ILE D 20 -8.97 19.90 -3.50
N THR D 21 -9.86 20.87 -3.73
CA THR D 21 -11.09 20.96 -2.96
C THR D 21 -12.35 21.05 -3.83
N CYS D 22 -12.16 21.11 -5.15
CA CYS D 22 -13.31 21.14 -6.07
C CYS D 22 -12.99 20.47 -7.41
N ARG D 23 -14.03 20.25 -8.22
CA ARG D 23 -13.87 19.58 -9.51
C ARG D 23 -12.91 20.31 -10.42
N GLN D 24 -13.01 21.64 -10.45
CA GLN D 24 -12.14 22.46 -11.30
C GLN D 24 -10.67 22.25 -10.99
N ASP D 25 -10.34 22.16 -9.70
CA ASP D 25 -8.97 21.89 -9.26
C ASP D 25 -8.44 20.63 -9.96
N ALA D 26 -9.27 19.60 -10.01
CA ALA D 26 -8.86 18.33 -10.58
C ALA D 26 -8.68 18.41 -12.10
N LEU D 27 -9.58 19.16 -12.76
CA LEU D 27 -9.47 19.31 -14.22
C LEU D 27 -8.24 20.12 -14.63
N VAL D 28 -7.95 21.18 -13.88
CA VAL D 28 -6.77 22.00 -14.13
C VAL D 28 -5.48 21.20 -13.94
N CYS D 29 -5.47 20.32 -12.95
CA CYS D 29 -4.33 19.45 -12.70
C CYS D 29 -4.04 18.60 -13.94
N PHE D 30 -5.10 18.05 -14.52
CA PHE D 30 -5.00 17.21 -15.71
C PHE D 30 -4.50 18.01 -16.90
N LEU D 31 -5.05 19.21 -17.07
CA LEU D 31 -4.65 20.09 -18.17
C LEU D 31 -3.18 20.44 -18.06
N HIS D 32 -2.73 20.71 -16.84
CA HIS D 32 -1.35 21.07 -16.58
C HIS D 32 -0.40 19.99 -17.09
N TRP D 33 -0.74 18.73 -16.85
CA TRP D 33 0.15 17.65 -17.25
C TRP D 33 0.16 17.45 -18.76
N GLU D 34 -0.97 17.67 -19.41
CA GLU D 34 -1.05 17.65 -20.87
C GLU D 34 -0.07 18.66 -21.47
N VAL D 35 -0.02 19.85 -20.86
CA VAL D 35 0.87 20.91 -21.32
C VAL D 35 2.33 20.54 -21.05
N VAL D 36 2.60 20.07 -19.84
CA VAL D 36 3.96 19.70 -19.45
C VAL D 36 4.52 18.56 -20.32
N THR D 37 3.72 17.53 -20.54
CA THR D 37 4.17 16.37 -21.31
C THR D 37 4.34 16.69 -22.79
N HIS D 38 3.80 17.81 -23.24
CA HIS D 38 3.99 18.23 -24.62
C HIS D 38 5.08 19.31 -24.75
N GLY D 39 6.01 19.31 -23.80
CA GLY D 39 7.22 20.11 -23.92
C GLY D 39 7.30 21.42 -23.16
N TYR D 40 6.26 21.76 -22.42
CA TYR D 40 6.27 23.03 -21.67
C TYR D 40 6.51 22.85 -20.18
N CYS D 41 7.12 23.85 -19.58
CA CYS D 41 7.27 23.89 -18.13
C CYS D 41 6.42 25.03 -17.60
N GLY D 42 5.83 24.83 -16.43
CA GLY D 42 5.11 25.91 -15.77
C GLY D 42 6.08 26.97 -15.29
N LEU D 43 5.64 28.22 -15.29
CA LEU D 43 6.46 29.33 -14.81
C LEU D 43 5.85 29.97 -13.56
N GLY D 44 4.54 30.17 -13.60
CA GLY D 44 3.84 30.81 -12.50
C GLY D 44 2.38 31.06 -12.79
N VAL D 45 1.78 31.99 -12.06
CA VAL D 45 0.35 32.30 -12.20
C VAL D 45 0.15 33.77 -12.55
N GLY D 46 -1.05 34.13 -13.00
CA GLY D 46 -1.35 35.49 -13.38
C GLY D 46 -0.89 35.84 -14.77
N ASP D 47 -1.34 36.99 -15.28
CA ASP D 47 -1.01 37.43 -16.64
C ASP D 47 0.47 37.75 -16.81
N GLN D 48 1.12 38.18 -15.72
CA GLN D 48 2.49 38.65 -15.77
C GLN D 48 3.35 37.95 -14.72
N PRO D 49 4.67 37.88 -14.94
CA PRO D 49 5.59 37.27 -13.98
C PRO D 49 5.48 37.86 -12.58
N GLY D 50 5.52 37.01 -11.56
CA GLY D 50 5.54 37.44 -10.18
C GLY D 50 6.79 36.91 -9.50
N PRO D 51 7.04 37.34 -8.25
CA PRO D 51 8.21 36.90 -7.48
C PRO D 51 8.23 35.40 -7.24
N ASN D 52 7.07 34.75 -7.34
CA ASN D 52 6.97 33.32 -7.13
C ASN D 52 7.21 32.50 -8.39
N ASP D 53 7.62 33.17 -9.46
CA ASP D 53 7.91 32.49 -10.71
C ASP D 53 9.05 31.50 -10.55
N LYS D 54 8.89 30.32 -11.14
CA LYS D 54 9.90 29.27 -11.09
C LYS D 54 9.59 28.26 -12.18
N LYS D 55 10.54 28.06 -13.09
CA LYS D 55 10.35 27.11 -14.17
C LYS D 55 10.37 25.69 -13.62
N SER D 56 9.22 25.01 -13.70
CA SER D 56 9.08 23.71 -13.05
C SER D 56 7.95 22.87 -13.66
N GLU D 57 8.06 21.55 -13.52
CA GLU D 57 7.00 20.63 -13.94
C GLU D 57 5.83 20.69 -12.97
N LEU D 58 6.13 21.12 -11.74
CA LEU D 58 5.13 21.16 -10.68
C LEU D 58 4.06 22.23 -10.97
N LEU D 59 2.88 22.04 -10.40
CA LEU D 59 1.86 23.08 -10.46
C LEU D 59 2.40 24.31 -9.74
N PRO D 60 2.31 25.48 -10.40
CA PRO D 60 2.96 26.69 -9.85
C PRO D 60 2.32 27.17 -8.55
N ALA D 61 3.06 27.93 -7.75
CA ALA D 61 2.57 28.45 -6.48
C ALA D 61 1.31 29.29 -6.66
N GLY D 62 0.25 28.94 -5.94
CA GLY D 62 -1.00 29.70 -5.98
C GLY D 62 -1.89 29.34 -7.16
N TRP D 63 -1.61 28.19 -7.78
CA TRP D 63 -2.33 27.77 -8.99
C TRP D 63 -3.83 27.65 -8.80
N ASN D 64 -4.25 27.38 -7.56
CA ASN D 64 -5.67 27.13 -7.27
C ASN D 64 -6.29 28.08 -6.23
N ASN D 65 -5.75 29.28 -6.11
CA ASN D 65 -6.29 30.27 -5.16
C ASN D 65 -7.67 30.77 -5.58
N ASN D 66 -7.94 30.71 -6.88
CA ASN D 66 -9.22 31.16 -7.43
C ASN D 66 -9.93 30.04 -8.18
N LYS D 67 -11.03 29.55 -7.63
CA LYS D 67 -11.75 28.41 -8.21
C LYS D 67 -12.58 28.81 -9.43
N ASP D 68 -12.72 30.11 -9.66
CA ASP D 68 -13.52 30.61 -10.78
C ASP D 68 -12.67 30.92 -12.02
N LEU D 69 -11.38 31.16 -11.80
CA LEU D 69 -10.49 31.52 -12.89
C LEU D 69 -9.05 31.11 -12.60
N TYR D 70 -8.56 30.14 -13.38
CA TYR D 70 -7.18 29.67 -13.24
C TYR D 70 -6.34 30.31 -14.34
N VAL D 71 -5.31 31.06 -13.94
CA VAL D 71 -4.44 31.73 -14.90
C VAL D 71 -3.01 31.23 -14.73
N LEU D 72 -2.54 30.43 -15.69
CA LEU D 72 -1.25 29.76 -15.57
C LEU D 72 -0.34 30.08 -16.76
N ARG D 73 0.89 30.43 -16.47
CA ARG D 73 1.87 30.74 -17.52
C ARG D 73 2.87 29.61 -17.70
N TYR D 74 3.25 29.36 -18.94
CA TYR D 74 4.19 28.29 -19.25
C TYR D 74 5.31 28.81 -20.12
N GLU D 75 6.37 28.02 -20.23
CA GLU D 75 7.47 28.34 -21.12
C GLU D 75 8.08 27.05 -21.64
N TYR D 76 8.44 27.03 -22.92
CA TYR D 76 8.99 25.84 -23.54
C TYR D 76 10.24 25.35 -22.82
N LYS D 77 10.33 24.04 -22.62
CA LYS D 77 11.51 23.47 -21.96
C LYS D 77 12.75 23.77 -22.78
N ASP D 78 13.78 24.28 -22.12
CA ASP D 78 15.02 24.71 -22.78
C ASP D 78 14.77 25.67 -23.95
N GLY D 79 13.76 26.52 -23.80
CA GLY D 79 13.42 27.48 -24.82
C GLY D 79 12.76 28.71 -24.22
N SER D 80 12.44 29.70 -25.05
CA SER D 80 11.89 30.96 -24.56
C SER D 80 10.42 31.17 -24.96
N ARG D 81 9.86 30.26 -25.74
CA ARG D 81 8.48 30.39 -26.19
C ARG D 81 7.49 30.28 -25.02
N LYS D 82 6.60 31.27 -24.92
CA LYS D 82 5.72 31.39 -23.77
C LYS D 82 4.25 31.15 -24.09
N LEU D 83 3.53 30.58 -23.13
CA LEU D 83 2.09 30.34 -23.24
C LEU D 83 1.35 30.91 -22.03
N LEU D 84 0.19 31.51 -22.28
CA LEU D 84 -0.70 31.93 -21.21
C LEU D 84 -1.98 31.11 -21.27
N VAL D 85 -2.16 30.22 -20.29
CA VAL D 85 -3.33 29.35 -20.25
C VAL D 85 -4.35 29.85 -19.24
N LYS D 86 -5.61 29.95 -19.67
CA LYS D 86 -6.69 30.30 -18.76
C LYS D 86 -7.75 29.20 -18.72
N ALA D 87 -8.17 28.83 -17.52
CA ALA D 87 -9.30 27.93 -17.33
C ALA D 87 -10.39 28.69 -16.59
N ILE D 88 -11.53 28.87 -17.27
CA ILE D 88 -12.60 29.74 -16.76
C ILE D 88 -13.83 28.95 -16.35
N THR D 89 -14.21 29.05 -15.07
CA THR D 89 -15.36 28.31 -14.56
C THR D 89 -16.67 28.99 -14.96
N VAL D 90 -17.52 28.26 -15.69
CA VAL D 90 -18.85 28.74 -16.04
C VAL D 90 -19.87 27.68 -15.65
N GLU D 91 -20.39 27.81 -14.43
CA GLU D 91 -21.31 26.83 -13.86
C GLU D 91 -20.67 25.44 -13.80
N SER D 92 -21.22 24.47 -14.52
CA SER D 92 -20.66 23.12 -14.49
C SER D 92 -19.70 22.86 -15.67
N SER D 93 -19.22 23.92 -16.29
CA SER D 93 -18.25 23.79 -17.38
C SER D 93 -17.03 24.66 -17.17
N MET D 94 -15.99 24.40 -17.96
CA MET D 94 -14.81 25.25 -17.97
C MET D 94 -14.47 25.65 -19.39
N ILE D 95 -14.17 26.93 -19.59
CA ILE D 95 -13.68 27.40 -20.87
C ILE D 95 -12.17 27.51 -20.79
N LEU D 96 -11.51 26.82 -21.72
CA LEU D 96 -10.05 26.81 -21.76
C LEU D 96 -9.61 27.62 -22.96
N ASN D 97 -8.69 28.55 -22.76
CA ASN D 97 -8.06 29.20 -23.89
C ASN D 97 -6.57 29.46 -23.66
N VAL D 98 -5.83 29.55 -24.76
CA VAL D 98 -4.39 29.71 -24.69
C VAL D 98 -4.00 30.94 -25.50
N LEU D 99 -3.04 31.71 -24.97
CA LEU D 99 -2.53 32.91 -25.64
C LEU D 99 -1.03 32.70 -25.84
N GLU D 100 -0.55 32.82 -27.07
CA GLU D 100 0.86 32.59 -27.37
C GLU D 100 1.47 33.76 -28.13
N GLN D 105 -6.38 34.04 -28.24
CA GLN D 105 -5.59 34.35 -29.42
C GLN D 105 -5.52 33.14 -30.33
N VAL D 106 -5.10 32.00 -29.77
CA VAL D 106 -4.73 30.85 -30.59
C VAL D 106 -5.58 29.60 -30.38
N ALA D 107 -5.89 29.26 -29.13
CA ALA D 107 -6.67 28.04 -28.86
C ALA D 107 -7.83 28.24 -27.90
N ASP D 108 -8.92 27.50 -28.11
CA ASP D 108 -10.08 27.54 -27.24
C ASP D 108 -10.78 26.18 -27.16
N LEU D 109 -11.37 25.88 -26.01
CA LEU D 109 -11.98 24.57 -25.78
C LEU D 109 -12.92 24.64 -24.58
N THR D 110 -14.15 24.15 -24.75
CA THR D 110 -15.13 24.15 -23.67
C THR D 110 -15.37 22.72 -23.18
N LEU D 111 -15.23 22.52 -21.87
CA LEU D 111 -15.39 21.18 -21.29
C LEU D 111 -16.44 21.14 -20.18
N ASN D 112 -17.32 20.15 -20.24
CA ASN D 112 -18.30 19.91 -19.19
C ASN D 112 -17.63 19.11 -18.06
N LEU D 113 -17.66 19.66 -16.85
CA LEU D 113 -17.06 19.00 -15.69
C LEU D 113 -17.80 17.70 -15.37
N ASP D 114 -19.11 17.70 -15.59
CA ASP D 114 -19.93 16.51 -15.38
C ASP D 114 -19.44 15.34 -16.23
N ASP D 115 -18.79 15.65 -17.35
CA ASP D 115 -18.33 14.63 -18.28
C ASP D 115 -16.96 14.01 -17.93
N TYR D 116 -16.17 14.69 -17.09
CA TYR D 116 -14.79 14.27 -16.88
C TYR D 116 -14.34 14.15 -15.42
N ILE D 117 -15.06 14.78 -14.51
CA ILE D 117 -14.68 14.75 -13.10
C ILE D 117 -15.80 14.18 -12.24
N ASP D 118 -15.50 13.15 -11.46
CA ASP D 118 -16.47 12.59 -10.53
C ASP D 118 -16.42 13.33 -9.20
N ALA D 119 -17.49 14.06 -8.90
CA ALA D 119 -17.60 14.80 -7.64
C ALA D 119 -17.49 13.88 -6.42
N GLU D 120 -18.05 12.69 -6.54
CA GLU D 120 -18.12 11.74 -5.44
C GLU D 120 -16.75 11.23 -4.97
N HIS D 121 -15.76 11.24 -5.86
CA HIS D 121 -14.47 10.60 -5.57
C HIS D 121 -13.27 11.49 -5.89
N LEU D 122 -13.38 12.77 -5.53
CA LEU D 122 -12.45 13.79 -5.98
C LEU D 122 -10.99 13.60 -5.54
N GLY D 123 -10.79 13.24 -4.28
CA GLY D 123 -9.45 13.10 -3.74
C GLY D 123 -8.82 11.76 -4.05
N ASP D 124 -9.59 10.87 -4.67
CA ASP D 124 -9.14 9.53 -5.01
C ASP D 124 -8.78 9.43 -6.50
N PHE D 125 -7.48 9.34 -6.80
CA PHE D 125 -6.97 9.47 -8.18
C PHE D 125 -7.65 8.60 -9.24
N HIS D 126 -7.74 7.30 -8.99
CA HIS D 126 -8.23 6.38 -10.01
C HIS D 126 -9.73 6.50 -10.31
N ARG D 127 -10.45 7.24 -9.47
CA ARG D 127 -11.89 7.40 -9.66
C ARG D 127 -12.28 8.88 -9.79
N THR D 128 -11.28 9.74 -9.90
CA THR D 128 -11.52 11.17 -10.07
C THR D 128 -11.84 11.50 -11.52
N TYR D 129 -11.13 10.88 -12.46
CA TYR D 129 -11.28 11.19 -13.87
C TYR D 129 -12.17 10.19 -14.63
N LYS D 130 -13.18 10.72 -15.30
CA LYS D 130 -14.05 9.93 -16.16
C LYS D 130 -13.71 10.24 -17.61
N ASN D 131 -13.86 9.25 -18.49
CA ASN D 131 -13.64 9.43 -19.92
C ASN D 131 -12.30 10.10 -20.23
N SER D 132 -11.25 9.67 -19.53
CA SER D 132 -9.95 10.35 -19.59
C SER D 132 -9.31 10.34 -20.97
N GLU D 133 -9.51 9.26 -21.72
CA GLU D 133 -8.96 9.18 -23.08
C GLU D 133 -9.58 10.21 -24.01
N GLU D 134 -10.89 10.38 -23.91
CA GLU D 134 -11.57 11.44 -24.67
C GLU D 134 -11.03 12.80 -24.25
N LEU D 135 -10.82 12.97 -22.95
CA LEU D 135 -10.31 14.23 -22.41
C LEU D 135 -8.95 14.55 -22.98
N ARG D 136 -8.07 13.55 -23.02
CA ARG D 136 -6.74 13.71 -23.59
C ARG D 136 -6.82 14.18 -25.04
N SER D 137 -7.61 13.47 -25.85
CA SER D 137 -7.72 13.76 -27.27
C SER D 137 -8.27 15.16 -27.56
N ARG D 138 -9.27 15.57 -26.79
CA ARG D 138 -9.87 16.89 -26.99
C ARG D 138 -8.91 18.02 -26.61
N ILE D 139 -8.19 17.83 -25.50
CA ILE D 139 -7.18 18.80 -25.09
C ILE D 139 -6.05 18.88 -26.12
N VAL D 140 -5.66 17.73 -26.66
CA VAL D 140 -4.61 17.68 -27.68
C VAL D 140 -5.04 18.39 -28.97
N SER D 141 -6.22 18.04 -29.49
CA SER D 141 -6.70 18.63 -30.73
C SER D 141 -7.17 20.08 -30.52
N GLY D 142 -7.79 20.35 -29.38
CA GLY D 142 -8.33 21.66 -29.10
C GLY D 142 -7.30 22.67 -28.62
N ILE D 143 -6.28 22.21 -27.91
CA ILE D 143 -5.30 23.10 -27.30
C ILE D 143 -3.88 22.90 -27.82
N ILE D 144 -3.34 21.69 -27.65
CA ILE D 144 -1.94 21.41 -27.96
C ILE D 144 -1.60 21.61 -29.45
N THR D 145 -2.37 20.95 -30.31
CA THR D 145 -2.07 20.97 -31.75
C THR D 145 -2.08 22.36 -32.43
N PRO D 146 -3.12 23.18 -32.20
CA PRO D 146 -3.08 24.52 -32.78
C PRO D 146 -1.84 25.31 -32.37
N ILE D 147 -1.44 25.22 -31.10
CA ILE D 147 -0.21 25.82 -30.62
C ILE D 147 0.98 25.34 -31.45
N HIS D 148 1.10 24.03 -31.60
CA HIS D 148 2.19 23.44 -32.36
C HIS D 148 2.10 23.81 -33.84
N GLU D 149 0.87 24.01 -34.32
CA GLU D 149 0.65 24.42 -35.70
C GLU D 149 0.97 25.90 -35.89
N GLN D 150 0.76 26.68 -34.84
CA GLN D 150 1.14 28.09 -34.84
C GLN D 150 2.63 28.20 -35.09
N TRP D 151 3.38 27.30 -34.48
CA TRP D 151 4.83 27.28 -34.56
C TRP D 151 5.34 26.71 -35.89
N GLU D 152 4.45 26.61 -36.87
CA GLU D 152 4.81 26.14 -38.21
C GLU D 152 4.27 27.08 -39.28
N LYS D 153 4.32 28.39 -39.00
CA LYS D 153 4.03 29.42 -40.01
C LYS D 153 4.56 30.79 -39.55
N ALA D 154 4.79 31.67 -40.52
CA ALA D 154 5.29 33.03 -40.26
C ALA D 154 6.62 33.01 -39.50
#